data_6WTL
#
_entry.id   6WTL
#
_cell.length_a   115.340
_cell.length_b   115.340
_cell.length_c   115.280
_cell.angle_alpha   90.000
_cell.angle_beta   90.000
_cell.angle_gamma   120.000
#
_symmetry.space_group_name_H-M   'P 31 2 1'
#
loop_
_entity.id
_entity.type
_entity.pdbx_description
1 polymer 'RNA (124-MER)'
2 non-polymer "(2R,3R,3aS,5R,7aR,9R,10R,10aS,12R,14aR)-2,9-bis(6-amino-9H-purin-9-yl)octahydro-2H,7H-difuro[3,2-d:3',2'-j][1,3,7,9,2,8 ]tetraoxadiphosphacyclododecine-3,5,10,12-tetrol 5,12-dioxide"
3 non-polymer 'MAGNESIUM ION'
4 non-polymer 'POTASSIUM ION'
5 non-polymer 'SULFATE ION'
6 water water
#
_entity_poly.entity_id   1
_entity_poly.type   'polyribonucleotide'
_entity_poly.pdbx_seq_one_letter_code
;(GTP)GUUGCCGAAUCCAUAUGUGGUACGGAGGAACCGCUUUUUGGGGUUAAUCUGCAGUGAAGCUGCAGUAGGGAUACC
UUCUGUCCCGCACCCGACAGCUAACUCCGGAGGCAAUAAAGGAAGGAG
;
_entity_poly.pdbx_strand_id   A
#
loop_
_chem_comp.id
_chem_comp.type
_chem_comp.name
_chem_comp.formula
2BA non-polymer '(2R,3R,3aS,5R,7aR,9R,10R,10aS,12R,14aR)-2,9-bis(6-amino-9H-purin-9-yl)octahydro-2H,7H-difuro[3,2-d:3',2'-j][1,3,7,9,2,8 ]tetraoxadiphosphacyclododecine-3,5,10,12-tetrol 5,12-dioxide' 'C20 H24 N10 O12 P2'
A RNA linking ADENOSINE-5'-MONOPHOSPHATE 'C10 H14 N5 O7 P'
C RNA linking CYTIDINE-5'-MONOPHOSPHATE 'C9 H14 N3 O8 P'
G RNA linking GUANOSINE-5'-MONOPHOSPHATE 'C10 H14 N5 O8 P'
GTP non-polymer GUANOSINE-5'-TRIPHOSPHATE 'C10 H16 N5 O14 P3'
K non-polymer 'POTASSIUM ION' 'K 1'
MG non-polymer 'MAGNESIUM ION' 'Mg 2'
SO4 non-polymer 'SULFATE ION' 'O4 S -2'
U RNA linking URIDINE-5'-MONOPHOSPHATE 'C9 H13 N2 O9 P'
#
# COMPACT_ATOMS: atom_id res chain seq x y z
O3B GTP A 1 9.25 10.06 1.07
PB GTP A 1 10.35 9.74 0.10
O1B GTP A 1 10.28 8.17 -0.27
O2B GTP A 1 10.24 10.60 -1.15
O3A GTP A 1 11.75 9.93 0.86
PA GTP A 1 12.87 8.77 0.91
O1A GTP A 1 12.89 7.93 -0.35
O2A GTP A 1 14.21 9.40 1.20
O5' GTP A 1 12.43 7.88 2.17
C5' GTP A 1 11.79 8.48 3.25
C4' GTP A 1 11.41 7.42 4.28
O4' GTP A 1 10.13 6.94 3.93
C3' GTP A 1 12.31 6.18 4.26
O3' GTP A 1 13.39 6.29 5.16
C2' GTP A 1 11.36 5.09 4.68
O2' GTP A 1 11.25 5.06 6.08
C1' GTP A 1 10.04 5.55 4.12
N9 GTP A 1 9.91 4.91 2.80
C8 GTP A 1 9.96 5.56 1.59
N7 GTP A 1 9.81 4.62 0.61
C5 GTP A 1 9.67 3.41 1.19
C6 GTP A 1 9.48 2.15 0.67
O6 GTP A 1 9.43 1.99 -0.55
N1 GTP A 1 9.36 1.07 1.51
C2 GTP A 1 9.42 1.26 2.88
N2 GTP A 1 9.30 0.22 3.71
N3 GTP A 1 9.60 2.52 3.40
C4 GTP A 1 9.73 3.58 2.57
P 2BA B . 6.14 -8.22 -13.19
O1P 2BA B . 6.05 -6.73 -13.48
O2P 2BA B . 6.52 -9.20 -14.27
O5' 2BA B . 7.16 -8.42 -11.96
C5' 2BA B . 7.39 -9.73 -11.48
C4' 2BA B . 8.31 -9.73 -10.27
O4' 2BA B . 9.59 -9.20 -10.61
C3' 2BA B . 7.79 -8.86 -9.15
O3' 2BA B . 7.09 -9.67 -8.22
C2' 2BA B . 9.03 -8.30 -8.50
O2' 2BA B . 9.35 -9.16 -7.42
C1' 2BA B . 10.11 -8.39 -9.56
N9 2BA B . 10.40 -7.08 -10.17
C8 2BA B . 9.57 -6.39 -10.98
N7 2BA B . 10.14 -5.22 -11.39
C5 2BA B . 11.36 -5.16 -10.84
C6 2BA B . 12.49 -4.21 -10.86
N6 2BA B . 12.40 -3.06 -11.58
N1 2BA B . 13.59 -4.52 -10.14
C2 2BA B . 13.67 -5.67 -9.43
N3 2BA B . 12.69 -6.57 -9.37
C4 2BA B . 11.53 -6.39 -10.04
P1 2BA B . 5.66 -9.17 -7.71
O1P1 2BA B . 5.88 -7.87 -6.98
O2P1 2BA B . 4.98 -10.35 -7.06
O5'1 2BA B . 4.90 -8.85 -9.10
C5'1 2BA B . 3.81 -9.65 -9.51
C4'1 2BA B . 3.21 -9.10 -10.80
O4'1 2BA B . 1.98 -8.44 -10.50
C3'1 2BA B . 4.09 -8.09 -11.50
O3'1 2BA B . 4.71 -8.69 -12.62
C2'1 2BA B . 3.16 -6.99 -11.96
O2'1 2BA B . 2.88 -7.18 -13.34
C1'1 2BA B . 1.88 -7.18 -11.14
N91 2BA B . 1.86 -6.12 -10.11
C81 2BA B . 2.85 -5.91 -9.21
N71 2BA B . 2.58 -4.87 -8.40
C51 2BA B . 1.39 -4.38 -8.78
C61 2BA B . 0.53 -3.27 -8.32
N61 2BA B . 0.93 -2.49 -7.29
N11 2BA B . -0.64 -3.09 -8.97
C21 2BA B . -1.01 -3.87 -10.00
N31 2BA B . -0.27 -4.90 -10.46
C41 2BA B . 0.92 -5.20 -9.91
P 2BA C . -10.73 1.16 11.31
O1P 2BA C . -10.56 2.38 10.42
O2P 2BA C . -11.13 1.32 12.75
O5' 2BA C . -11.80 0.19 10.59
C5' 2BA C . -12.05 -1.09 11.14
C4' 2BA C . -12.90 -1.87 10.16
O4' 2BA C . -14.13 -1.19 9.96
C3' 2BA C . -12.27 -1.93 8.79
O3' 2BA C . -11.59 -3.18 8.64
C2' 2BA C . -13.42 -1.86 7.81
O2' 2BA C . -13.76 -3.19 7.40
C1' 2BA C . -14.56 -1.27 8.61
N9 2BA C . -14.89 0.11 8.20
C8 2BA C . -14.16 1.22 8.42
N7 2BA C . -14.77 2.33 7.93
C5 2BA C . -15.93 1.93 7.38
C6 2BA C . -17.06 2.59 6.69
N6 2BA C . -17.09 3.92 6.46
N1 2BA C . -18.08 1.80 6.28
C2 2BA C . -18.07 0.47 6.49
N3 2BA C . -17.08 -0.18 7.10
C4 2BA C . -16.00 0.48 7.56
P1 2BA C . -10.25 -3.22 7.77
O1P1 2BA C . -10.57 -2.62 6.41
O2P1 2BA C . -9.70 -4.61 7.92
O5'1 2BA C . -9.33 -2.18 8.57
C5'1 2BA C . -8.57 -2.59 9.69
C4'1 2BA C . -7.87 -1.34 10.24
O4'1 2BA C . -6.66 -1.14 9.52
C3'1 2BA C . -8.70 -0.07 10.07
O3'1 2BA C . -9.37 0.28 11.27
C2'1 2BA C . -7.67 0.99 9.76
O2'1 2BA C . -7.36 1.65 11.00
C1'1 2BA C . -6.45 0.23 9.27
N91 2BA C . -6.30 0.43 7.79
C81 2BA C . -7.21 0.07 6.86
N71 2BA C . -6.79 0.39 5.61
C51 2BA C . -5.58 0.97 5.73
C61 2BA C . -4.57 1.54 4.82
N61 2BA C . -4.77 1.56 3.48
N11 2BA C . -3.44 2.04 5.36
C21 2BA C . -3.23 2.02 6.69
N31 2BA C . -4.09 1.52 7.58
C41 2BA C . -5.27 0.99 7.18
MG MG D . -18.19 10.34 6.60
MG MG E . -8.85 5.81 0.51
K K F . 13.54 5.38 8.84
MG MG G . -23.41 12.20 8.06
MG MG H . 7.56 3.79 -8.23
S SO4 I . -15.03 20.44 1.48
O1 SO4 I . -15.06 21.42 0.40
O2 SO4 I . -14.29 19.26 1.03
O3 SO4 I . -16.40 20.05 1.83
O4 SO4 I . -14.38 21.02 2.66
#